data_5U9N
#
_entry.id   5U9N
#
_cell.length_a   62.119
_cell.length_b   186.124
_cell.length_c   195.176
_cell.angle_alpha   90.000
_cell.angle_beta   90.000
_cell.angle_gamma   90.000
#
_symmetry.space_group_name_H-M   'F 2 2 2'
#
loop_
_entity.id
_entity.type
_entity.pdbx_description
1 polymer 'Bromo domain containing protein'
2 non-polymer Bromosporine
3 non-polymer 'SULFATE ION'
4 water water
#
_entity_poly.entity_id   1
_entity_poly.type   'polypeptide(L)'
_entity_poly.pdbx_seq_one_letter_code
;ISNEADYDWRNECLRILNLLRKEQNSFLFENPVLESNDLTEETKNRYKEVIPEACDYITIEKRLNNKSNSKRQSTSNQKR
KSTTANSKSNQTIENPHEFERLVKLIFSNCMIFNPNSGECKWIYDSAKQSLNKFNNLWNKSNVFLLYSNSQ
;
_entity_poly.pdbx_strand_id   A,B
#
# COMPACT_ATOMS: atom_id res chain seq x y z
N GLU A 4 -17.35 26.20 -8.91
CA GLU A 4 -16.49 25.89 -7.76
C GLU A 4 -17.06 26.52 -6.46
N ALA A 5 -17.41 27.85 -6.51
CA ALA A 5 -17.92 28.60 -5.34
C ALA A 5 -16.92 28.55 -4.15
N ASP A 6 -15.60 28.55 -4.46
CA ASP A 6 -14.51 28.45 -3.47
C ASP A 6 -13.72 29.76 -3.42
N TYR A 7 -13.18 30.21 -4.59
CA TYR A 7 -12.37 31.44 -4.74
C TYR A 7 -10.86 31.21 -4.40
N ASP A 8 -10.55 30.26 -3.49
CA ASP A 8 -9.16 30.00 -3.10
C ASP A 8 -8.51 28.99 -4.07
N TRP A 9 -7.38 29.38 -4.70
CA TRP A 9 -6.68 28.52 -5.64
C TRP A 9 -5.95 27.38 -4.91
N ARG A 10 -5.56 27.59 -3.65
CA ARG A 10 -4.89 26.55 -2.85
C ARG A 10 -5.85 25.41 -2.51
N ASN A 11 -7.12 25.73 -2.22
CA ASN A 11 -8.14 24.69 -1.95
C ASN A 11 -8.45 23.93 -3.24
N GLU A 12 -8.38 24.62 -4.41
CA GLU A 12 -8.54 23.99 -5.72
C GLU A 12 -7.38 23.00 -5.98
N CYS A 13 -6.17 23.33 -5.48
CA CYS A 13 -5.01 22.43 -5.53
C CYS A 13 -5.22 21.24 -4.60
N LEU A 14 -5.71 21.49 -3.39
CA LEU A 14 -5.96 20.44 -2.42
C LEU A 14 -7.06 19.49 -2.91
N ARG A 15 -8.13 20.04 -3.51
CA ARG A 15 -9.21 19.24 -4.11
C ARG A 15 -8.62 18.23 -5.10
N ILE A 16 -7.77 18.70 -6.02
CA ILE A 16 -7.16 17.86 -7.05
C ILE A 16 -6.21 16.82 -6.41
N LEU A 17 -5.41 17.25 -5.44
CA LEU A 17 -4.52 16.34 -4.69
C LEU A 17 -5.32 15.21 -4.04
N ASN A 18 -6.46 15.56 -3.41
CA ASN A 18 -7.34 14.57 -2.79
C ASN A 18 -7.95 13.61 -3.81
N LEU A 19 -8.17 14.05 -5.06
CA LEU A 19 -8.67 13.17 -6.10
C LEU A 19 -7.57 12.21 -6.60
N LEU A 20 -6.29 12.63 -6.61
CA LEU A 20 -5.20 11.71 -6.96
C LEU A 20 -4.96 10.66 -5.89
N ARG A 21 -5.38 10.93 -4.63
CA ARG A 21 -5.26 9.96 -3.54
C ARG A 21 -6.24 8.79 -3.73
N LYS A 22 -7.28 8.96 -4.54
CA LYS A 22 -8.24 7.89 -4.79
C LYS A 22 -7.80 7.01 -5.98
N GLU A 23 -6.64 7.28 -6.61
CA GLU A 23 -6.18 6.49 -7.77
C GLU A 23 -5.51 5.20 -7.32
N GLN A 24 -5.34 4.27 -8.27
CA GLN A 24 -4.75 2.96 -7.99
C GLN A 24 -3.28 3.08 -7.54
N ASN A 25 -2.94 2.39 -6.42
CA ASN A 25 -1.62 2.38 -5.81
C ASN A 25 -1.20 3.82 -5.43
N SER A 26 -2.17 4.64 -4.97
CA SER A 26 -1.89 6.02 -4.52
C SER A 26 -1.01 6.03 -3.25
N PHE A 27 -1.05 4.94 -2.46
CA PHE A 27 -0.22 4.81 -1.25
C PHE A 27 1.28 5.00 -1.58
N LEU A 28 1.70 4.68 -2.82
CA LEU A 28 3.11 4.80 -3.23
C LEU A 28 3.63 6.23 -3.06
N PHE A 29 2.80 7.21 -3.37
CA PHE A 29 3.19 8.60 -3.40
C PHE A 29 2.70 9.42 -2.21
N GLU A 30 2.17 8.76 -1.17
CA GLU A 30 1.57 9.47 -0.04
C GLU A 30 2.63 10.04 0.90
N ASN A 31 3.54 9.22 1.37
CA ASN A 31 4.54 9.64 2.34
C ASN A 31 5.94 9.56 1.75
N PRO A 32 6.94 10.25 2.36
CA PRO A 32 8.30 10.19 1.80
C PRO A 32 8.89 8.79 1.74
N VAL A 33 9.45 8.43 0.57
CA VAL A 33 10.09 7.13 0.37
C VAL A 33 11.33 6.97 1.26
N LEU A 34 12.08 8.06 1.50
CA LEU A 34 13.29 8.03 2.32
C LEU A 34 12.98 7.87 3.84
N GLU A 35 11.72 8.15 4.28
CA GLU A 35 11.29 7.92 5.67
C GLU A 35 10.62 6.54 5.81
N SER A 36 10.37 5.82 4.69
CA SER A 36 9.62 4.58 4.71
C SER A 36 10.39 3.42 5.35
N ASN A 37 9.76 2.76 6.33
CA ASN A 37 10.31 1.57 6.99
C ASN A 37 10.00 0.32 6.12
N ASP A 38 9.06 0.46 5.14
CA ASP A 38 8.68 -0.64 4.24
C ASP A 38 9.83 -1.00 3.30
N LEU A 39 10.50 0.01 2.73
CA LEU A 39 11.63 -0.23 1.83
C LEU A 39 12.89 -0.58 2.65
N THR A 40 13.89 -1.21 2.00
CA THR A 40 15.17 -1.54 2.66
C THR A 40 16.10 -0.33 2.54
N GLU A 41 17.16 -0.27 3.37
CA GLU A 41 18.13 0.83 3.31
C GLU A 41 18.91 0.78 1.99
N GLU A 42 19.21 -0.45 1.48
CA GLU A 42 19.93 -0.63 0.21
C GLU A 42 19.23 0.15 -0.93
N THR A 43 17.90 -0.06 -1.06
CA THR A 43 17.09 0.61 -2.07
C THR A 43 16.97 2.14 -1.79
N LYS A 44 16.86 2.53 -0.50
CA LYS A 44 16.75 3.95 -0.13
C LYS A 44 18.08 4.69 -0.34
N ASN A 45 19.22 3.99 -0.26
CA ASN A 45 20.53 4.61 -0.48
C ASN A 45 20.78 4.84 -1.99
N ARG A 46 20.27 3.92 -2.85
CA ARG A 46 20.37 4.09 -4.29
C ARG A 46 19.44 5.22 -4.71
N TYR A 47 18.29 5.39 -4.02
CA TYR A 47 17.32 6.44 -4.31
C TYR A 47 17.92 7.83 -4.16
N LYS A 48 18.71 8.08 -3.12
CA LYS A 48 19.35 9.39 -2.91
C LYS A 48 20.32 9.71 -4.04
N GLU A 49 20.99 8.68 -4.57
CA GLU A 49 21.94 8.82 -5.68
C GLU A 49 21.20 9.11 -7.00
N VAL A 50 20.08 8.43 -7.24
CA VAL A 50 19.31 8.54 -8.48
C VAL A 50 18.41 9.80 -8.46
N ILE A 51 17.72 10.06 -7.32
CA ILE A 51 16.79 11.19 -7.25
C ILE A 51 17.34 12.34 -6.35
N PRO A 52 17.62 13.52 -6.94
CA PRO A 52 18.14 14.64 -6.12
C PRO A 52 17.06 15.39 -5.32
N GLU A 53 15.79 15.43 -5.82
CA GLU A 53 14.70 16.14 -5.14
C GLU A 53 13.49 15.21 -4.94
N ALA A 54 13.39 14.58 -3.78
CA ALA A 54 12.23 13.73 -3.48
C ALA A 54 11.01 14.58 -3.14
N CYS A 55 9.79 14.03 -3.35
CA CYS A 55 8.56 14.74 -3.02
C CYS A 55 7.40 13.73 -2.81
N ASP A 56 6.27 14.20 -2.21
CA ASP A 56 5.10 13.34 -1.95
C ASP A 56 3.90 14.18 -1.57
N TYR A 57 2.71 13.55 -1.53
CA TYR A 57 1.43 14.24 -1.33
C TYR A 57 1.33 14.90 0.02
N ILE A 58 1.71 14.21 1.08
CA ILE A 58 1.58 14.80 2.44
C ILE A 58 2.53 16.02 2.56
N THR A 59 3.71 15.97 1.90
CA THR A 59 4.67 17.09 1.91
C THR A 59 4.10 18.29 1.11
N ILE A 60 3.43 18.03 -0.01
CA ILE A 60 2.80 19.10 -0.81
C ILE A 60 1.62 19.69 -0.03
N GLU A 61 0.74 18.81 0.54
CA GLU A 61 -0.41 19.24 1.36
C GLU A 61 0.03 20.17 2.49
N LYS A 62 1.08 19.79 3.22
CA LYS A 62 1.60 20.61 4.31
C LYS A 62 2.20 21.94 3.79
N ARG A 63 2.80 21.94 2.57
CA ARG A 63 3.31 23.18 1.96
C ARG A 63 2.16 24.14 1.52
N LEU A 64 0.98 23.58 1.12
CA LEU A 64 -0.19 24.41 0.74
C LEU A 64 -0.82 25.08 1.95
N ASN A 65 -0.83 24.41 3.10
CA ASN A 65 -1.46 24.95 4.31
C ASN A 65 -0.63 26.07 4.97
N ASN A 66 0.67 26.24 4.59
CA ASN A 66 1.51 27.33 5.16
C ASN A 66 0.95 28.72 4.76
N LYS A 67 0.38 28.85 3.53
CA LYS A 67 -0.22 30.09 3.00
C LYS A 67 0.72 31.30 3.19
N ASN A 90 10.20 25.08 6.98
CA ASN A 90 8.84 24.93 6.47
C ASN A 90 8.61 25.86 5.26
N GLN A 91 8.66 25.29 4.03
CA GLN A 91 8.49 26.05 2.78
C GLN A 91 6.99 26.19 2.44
N THR A 92 6.66 27.12 1.51
CA THR A 92 5.27 27.35 1.11
C THR A 92 5.17 27.44 -0.42
N ILE A 93 4.07 26.92 -0.99
CA ILE A 93 3.83 26.94 -2.43
C ILE A 93 3.28 28.35 -2.82
N GLU A 94 4.08 29.13 -3.59
CA GLU A 94 3.75 30.51 -3.93
C GLU A 94 2.68 30.63 -4.99
N ASN A 95 2.51 29.59 -5.85
CA ASN A 95 1.55 29.71 -6.95
C ASN A 95 1.15 28.34 -7.53
N PRO A 96 0.13 28.29 -8.43
CA PRO A 96 -0.25 27.00 -9.03
C PRO A 96 0.86 26.40 -9.90
N HIS A 97 1.79 27.22 -10.37
CA HIS A 97 2.88 26.77 -11.24
C HIS A 97 3.87 25.93 -10.42
N GLU A 98 4.16 26.34 -9.17
CA GLU A 98 5.01 25.54 -8.30
C GLU A 98 4.26 24.25 -7.86
N PHE A 99 2.94 24.33 -7.58
CA PHE A 99 2.17 23.15 -7.22
C PHE A 99 2.24 22.14 -8.36
N GLU A 100 2.03 22.60 -9.62
CA GLU A 100 2.11 21.72 -10.78
C GLU A 100 3.48 21.01 -10.85
N ARG A 101 4.55 21.78 -10.70
CA ARG A 101 5.91 21.23 -10.71
C ARG A 101 6.08 20.11 -9.65
N LEU A 102 5.64 20.37 -8.42
CA LEU A 102 5.87 19.45 -7.31
C LEU A 102 5.08 18.17 -7.50
N VAL A 103 3.84 18.26 -7.94
CA VAL A 103 3.03 17.05 -8.18
C VAL A 103 3.67 16.21 -9.31
N LYS A 104 4.07 16.84 -10.42
CA LYS A 104 4.67 16.13 -11.53
C LYS A 104 6.05 15.58 -11.19
N LEU A 105 6.76 16.23 -10.27
CA LEU A 105 8.06 15.76 -9.75
C LEU A 105 7.93 14.36 -9.09
N ILE A 106 6.82 14.12 -8.38
CA ILE A 106 6.50 12.85 -7.73
C ILE A 106 6.44 11.74 -8.77
N PHE A 107 5.76 11.96 -9.87
CA PHE A 107 5.58 10.94 -10.91
C PHE A 107 6.83 10.76 -11.79
N SER A 108 7.64 11.81 -12.05
CA SER A 108 8.85 11.67 -12.86
C SER A 108 9.95 11.01 -12.06
N ASN A 109 10.01 11.25 -10.75
CA ASN A 109 11.02 10.59 -9.91
C ASN A 109 10.74 9.08 -9.88
N CYS A 110 9.48 8.72 -9.76
CA CYS A 110 9.06 7.33 -9.75
C CYS A 110 9.34 6.68 -11.10
N MET A 111 9.13 7.39 -12.18
CA MET A 111 9.36 6.85 -13.51
C MET A 111 10.85 6.85 -13.88
N ILE A 112 11.70 7.64 -13.21
CA ILE A 112 13.17 7.57 -13.43
C ILE A 112 13.77 6.41 -12.60
N PHE A 113 13.29 6.22 -11.37
CA PHE A 113 13.84 5.23 -10.45
C PHE A 113 13.39 3.80 -10.75
N ASN A 114 12.15 3.60 -11.23
CA ASN A 114 11.63 2.24 -11.39
C ASN A 114 11.56 1.87 -12.85
N PRO A 115 11.76 0.56 -13.18
CA PRO A 115 11.76 0.16 -14.59
C PRO A 115 10.37 0.01 -15.17
N ASN A 116 10.23 0.14 -16.49
CA ASN A 116 8.94 0.06 -17.17
C ASN A 116 8.76 -1.34 -17.78
N SER A 117 9.60 -2.29 -17.36
CA SER A 117 9.54 -3.68 -17.80
C SER A 117 9.84 -4.61 -16.62
N GLY A 118 9.35 -5.83 -16.71
CA GLY A 118 9.60 -6.82 -15.67
C GLY A 118 8.44 -7.01 -14.72
N GLU A 119 8.69 -7.71 -13.62
CA GLU A 119 7.66 -8.07 -12.65
C GLU A 119 7.18 -6.86 -11.85
N CYS A 120 8.07 -5.93 -11.50
CA CYS A 120 7.64 -4.79 -10.69
C CYS A 120 7.49 -3.50 -11.57
N LYS A 121 7.02 -3.67 -12.85
CA LYS A 121 6.75 -2.53 -13.73
C LYS A 121 5.43 -1.79 -13.32
N TRP A 122 4.62 -2.42 -12.45
CA TRP A 122 3.36 -1.81 -11.97
C TRP A 122 3.61 -0.50 -11.17
N ILE A 123 4.82 -0.31 -10.58
CA ILE A 123 5.15 0.91 -9.85
C ILE A 123 5.24 2.06 -10.84
N TYR A 124 6.06 1.90 -11.90
CA TYR A 124 6.19 2.89 -12.98
C TYR A 124 4.83 3.19 -13.62
N ASP A 125 4.06 2.14 -13.95
CA ASP A 125 2.75 2.28 -14.59
C ASP A 125 1.75 3.02 -13.72
N SER A 126 1.86 2.86 -12.39
CA SER A 126 0.96 3.56 -11.46
C SER A 126 1.25 5.07 -11.49
N ALA A 127 2.56 5.46 -11.53
CA ALA A 127 2.99 6.87 -11.63
C ALA A 127 2.51 7.47 -12.92
N LYS A 128 2.61 6.70 -14.02
CA LYS A 128 2.19 7.14 -15.34
C LYS A 128 0.68 7.44 -15.38
N GLN A 129 -0.15 6.64 -14.70
CA GLN A 129 -1.61 6.82 -14.73
C GLN A 129 -2.06 7.94 -13.82
N SER A 130 -1.37 8.17 -12.71
CA SER A 130 -1.70 9.29 -11.84
C SER A 130 -1.28 10.61 -12.49
N LEU A 131 -0.18 10.61 -13.26
CA LEU A 131 0.23 11.77 -14.04
C LEU A 131 -0.81 12.07 -15.12
N ASN A 132 -1.33 11.03 -15.76
CA ASN A 132 -2.37 11.18 -16.78
C ASN A 132 -3.66 11.70 -16.14
N LYS A 133 -4.04 11.15 -14.98
CA LYS A 133 -5.20 11.63 -14.23
C LYS A 133 -4.97 13.09 -13.79
N PHE A 134 -3.76 13.42 -13.32
CA PHE A 134 -3.46 14.79 -12.90
C PHE A 134 -3.63 15.78 -14.05
N ASN A 135 -3.08 15.44 -15.24
CA ASN A 135 -3.18 16.33 -16.40
C ASN A 135 -4.60 16.59 -16.79
N ASN A 136 -5.45 15.58 -16.72
CA ASN A 136 -6.85 15.73 -17.08
C ASN A 136 -7.59 16.62 -16.07
N LEU A 137 -7.31 16.50 -14.77
CA LEU A 137 -7.92 17.34 -13.74
C LEU A 137 -7.40 18.77 -13.86
N TRP A 138 -6.09 18.90 -13.97
CA TRP A 138 -5.42 20.20 -14.06
C TRP A 138 -5.87 21.00 -15.30
N ASN A 139 -5.94 20.36 -16.46
CA ASN A 139 -6.32 21.03 -17.72
C ASN A 139 -7.77 21.56 -17.72
N LYS A 140 -8.70 20.96 -16.92
CA LYS A 140 -10.09 21.40 -16.89
C LYS A 140 -10.39 22.24 -15.60
N SER A 141 -9.32 22.62 -14.84
CA SER A 141 -9.42 23.40 -13.57
C SER A 141 -9.30 24.94 -13.78
N ASN A 142 -9.97 25.72 -12.89
CA ASN A 142 -9.91 27.21 -12.89
C ASN A 142 -8.82 27.74 -11.92
N VAL A 143 -7.93 26.86 -11.44
CA VAL A 143 -6.87 27.17 -10.45
C VAL A 143 -6.04 28.43 -10.86
N PHE A 144 -5.68 28.58 -12.17
CA PHE A 144 -4.95 29.75 -12.67
C PHE A 144 -5.85 30.97 -12.76
N LEU A 145 -7.12 30.78 -13.15
CA LEU A 145 -8.07 31.91 -13.19
C LEU A 145 -8.38 32.41 -11.77
N LEU A 146 -8.31 31.53 -10.76
CA LEU A 146 -8.46 31.92 -9.36
C LEU A 146 -7.21 32.67 -8.88
N TYR A 147 -6.02 32.14 -9.19
CA TYR A 147 -4.77 32.79 -8.86
C TYR A 147 -4.60 34.16 -9.57
N SER A 148 -4.84 34.21 -10.89
CA SER A 148 -4.67 35.45 -11.67
C SER A 148 -5.58 36.58 -11.13
N ASN A 149 -6.79 36.23 -10.70
CA ASN A 149 -7.74 37.18 -10.13
C ASN A 149 -7.73 37.07 -8.58
N SER A 150 -6.55 37.33 -7.96
CA SER A 150 -6.38 37.31 -6.50
C SER A 150 -5.41 38.41 -6.06
N TYR B 7 -8.71 -16.92 27.75
CA TYR B 7 -9.60 -18.04 28.05
C TYR B 7 -9.91 -18.85 26.78
N ASP B 8 -10.51 -18.18 25.76
CA ASP B 8 -10.86 -18.84 24.52
C ASP B 8 -9.64 -18.89 23.62
N TRP B 9 -9.44 -20.01 22.91
CA TRP B 9 -8.31 -20.17 21.99
C TRP B 9 -8.48 -19.27 20.75
N ARG B 10 -9.74 -18.97 20.35
CA ARG B 10 -10.04 -18.11 19.20
C ARG B 10 -9.60 -16.67 19.45
N ASN B 11 -9.81 -16.15 20.68
CA ASN B 11 -9.34 -14.79 21.05
C ASN B 11 -7.81 -14.75 21.03
N GLU B 12 -7.16 -15.87 21.36
CA GLU B 12 -5.69 -15.97 21.30
C GLU B 12 -5.21 -15.95 19.83
N CYS B 13 -5.99 -16.53 18.91
CA CYS B 13 -5.68 -16.48 17.47
C CYS B 13 -5.89 -15.04 16.95
N LEU B 14 -6.94 -14.36 17.45
CA LEU B 14 -7.25 -12.99 17.05
C LEU B 14 -6.19 -12.02 17.55
N ARG B 15 -5.74 -12.20 18.79
CA ARG B 15 -4.67 -11.36 19.37
C ARG B 15 -3.40 -11.45 18.50
N ILE B 16 -3.03 -12.67 18.08
CA ILE B 16 -1.84 -12.90 17.25
C ILE B 16 -2.07 -12.33 15.83
N LEU B 17 -3.31 -12.36 15.32
CA LEU B 17 -3.63 -11.78 14.01
C LEU B 17 -3.47 -10.24 14.05
N ASN B 18 -3.97 -9.60 15.11
CA ASN B 18 -3.85 -8.15 15.30
C ASN B 18 -2.37 -7.69 15.40
N LEU B 19 -1.47 -8.58 15.90
CA LEU B 19 -0.04 -8.26 15.98
C LEU B 19 0.63 -8.30 14.58
N LEU B 20 0.18 -9.20 13.67
CA LEU B 20 0.74 -9.26 12.31
C LEU B 20 0.32 -8.07 11.46
N ARG B 21 -0.72 -7.33 11.89
CA ARG B 21 -1.17 -6.15 11.16
C ARG B 21 -0.18 -4.97 11.31
N LYS B 22 0.86 -5.10 12.17
CA LYS B 22 1.85 -4.03 12.39
C LYS B 22 3.16 -4.22 11.58
N GLU B 23 3.34 -5.38 10.92
CA GLU B 23 4.59 -5.67 10.20
C GLU B 23 4.68 -4.88 8.89
N GLN B 24 5.93 -4.68 8.39
CA GLN B 24 6.21 -3.87 7.19
C GLN B 24 5.44 -4.37 5.94
N SER B 26 2.06 -4.38 5.71
CA SER B 26 0.97 -5.16 6.32
C SER B 26 -0.32 -5.01 5.55
N PHE B 27 -0.47 -3.87 4.83
CA PHE B 27 -1.64 -3.60 3.99
C PHE B 27 -1.70 -4.61 2.81
N LEU B 28 -0.57 -5.29 2.52
CA LEU B 28 -0.50 -6.27 1.43
C LEU B 28 -1.40 -7.48 1.67
N PHE B 29 -1.57 -7.89 2.94
CA PHE B 29 -2.30 -9.09 3.31
C PHE B 29 -3.61 -8.83 4.06
N GLU B 30 -4.11 -7.57 4.08
CA GLU B 30 -5.28 -7.23 4.90
C GLU B 30 -6.58 -7.70 4.27
N ASN B 31 -6.87 -7.24 3.05
CA ASN B 31 -8.13 -7.53 2.37
C ASN B 31 -7.91 -8.46 1.18
N PRO B 32 -8.97 -9.03 0.57
CA PRO B 32 -8.74 -9.98 -0.52
C PRO B 32 -8.14 -9.33 -1.77
N VAL B 33 -6.97 -9.88 -2.23
CA VAL B 33 -6.26 -9.42 -3.43
C VAL B 33 -7.21 -9.22 -4.62
N LEU B 34 -8.19 -10.12 -4.79
CA LEU B 34 -9.10 -10.08 -5.93
C LEU B 34 -10.15 -8.96 -5.81
N GLU B 35 -10.56 -8.59 -4.58
CA GLU B 35 -11.52 -7.49 -4.37
C GLU B 35 -10.83 -6.10 -4.39
N SER B 36 -9.50 -6.06 -4.64
CA SER B 36 -8.73 -4.80 -4.63
C SER B 36 -8.77 -4.13 -5.98
N ASN B 37 -9.16 -2.86 -6.02
CA ASN B 37 -9.15 -2.11 -7.28
C ASN B 37 -7.70 -1.65 -7.62
N ASP B 38 -6.80 -1.65 -6.61
CA ASP B 38 -5.39 -1.23 -6.78
C ASP B 38 -4.64 -2.08 -7.84
N LEU B 39 -4.88 -3.41 -7.87
CA LEU B 39 -4.23 -4.30 -8.86
C LEU B 39 -5.05 -4.31 -10.19
N THR B 40 -4.39 -4.63 -11.32
CA THR B 40 -5.06 -4.66 -12.64
C THR B 40 -5.68 -6.04 -12.87
N GLU B 41 -6.60 -6.15 -13.85
CA GLU B 41 -7.28 -7.42 -14.17
C GLU B 41 -6.27 -8.44 -14.76
N GLU B 42 -5.33 -7.96 -15.60
CA GLU B 42 -4.31 -8.84 -16.21
C GLU B 42 -3.57 -9.69 -15.16
N THR B 43 -3.17 -9.06 -14.03
CA THR B 43 -2.42 -9.75 -12.98
C THR B 43 -3.35 -10.62 -12.13
N LYS B 44 -4.58 -10.15 -11.86
CA LYS B 44 -5.58 -10.93 -11.12
C LYS B 44 -5.86 -12.25 -11.84
N ASN B 45 -6.00 -12.20 -13.17
CA ASN B 45 -6.29 -13.39 -13.99
C ASN B 45 -5.10 -14.37 -13.91
N ARG B 46 -3.87 -13.86 -13.93
CA ARG B 46 -2.68 -14.71 -13.78
C ARG B 46 -2.61 -15.24 -12.33
N TYR B 47 -3.05 -14.43 -11.33
CA TYR B 47 -3.08 -14.86 -9.92
C TYR B 47 -4.05 -16.02 -9.71
N LYS B 48 -5.22 -15.98 -10.35
CA LYS B 48 -6.19 -17.08 -10.26
C LYS B 48 -5.62 -18.37 -10.88
N GLU B 49 -4.80 -18.25 -11.93
CA GLU B 49 -4.16 -19.39 -12.60
C GLU B 49 -3.04 -20.01 -11.73
N VAL B 50 -2.26 -19.19 -11.01
CA VAL B 50 -1.12 -19.68 -10.23
C VAL B 50 -1.54 -20.01 -8.78
N ILE B 51 -2.38 -19.16 -8.14
CA ILE B 51 -2.87 -19.40 -6.76
C ILE B 51 -4.29 -20.01 -6.77
N PRO B 52 -4.45 -21.28 -6.32
CA PRO B 52 -5.79 -21.89 -6.31
C PRO B 52 -6.66 -21.49 -5.09
N GLU B 53 -6.05 -21.31 -3.90
CA GLU B 53 -6.77 -20.99 -2.66
C GLU B 53 -6.28 -19.67 -2.08
N ALA B 54 -7.02 -18.57 -2.32
CA ALA B 54 -6.65 -17.24 -1.78
C ALA B 54 -7.11 -17.08 -0.33
N CYS B 55 -6.42 -16.21 0.42
CA CYS B 55 -6.76 -15.94 1.82
C CYS B 55 -6.21 -14.57 2.24
N ASP B 56 -6.74 -14.01 3.33
CA ASP B 56 -6.32 -12.70 3.85
C ASP B 56 -6.72 -12.55 5.34
N TYR B 57 -6.24 -11.50 6.01
CA TYR B 57 -6.46 -11.33 7.46
C TYR B 57 -7.93 -11.13 7.81
N ILE B 58 -8.63 -10.23 7.10
CA ILE B 58 -10.03 -9.97 7.42
C ILE B 58 -10.90 -11.23 7.16
N THR B 59 -10.53 -12.07 6.16
CA THR B 59 -11.26 -13.32 5.87
C THR B 59 -11.06 -14.30 7.03
N ILE B 60 -9.85 -14.34 7.60
CA ILE B 60 -9.57 -15.21 8.74
C ILE B 60 -10.34 -14.69 9.99
N GLU B 61 -10.33 -13.36 10.24
CA GLU B 61 -11.03 -12.76 11.39
C GLU B 61 -12.54 -13.05 11.35
N LYS B 62 -13.17 -12.94 10.17
CA LYS B 62 -14.62 -13.20 10.05
C LYS B 62 -14.92 -14.69 10.25
N ARG B 63 -13.98 -15.58 9.87
CA ARG B 63 -14.15 -17.03 10.06
C ARG B 63 -13.91 -17.43 11.53
N LEU B 64 -13.05 -16.68 12.27
CA LEU B 64 -12.84 -16.91 13.71
C LEU B 64 -14.10 -16.50 14.51
N ASN B 65 -14.68 -15.33 14.19
CA ASN B 65 -15.85 -14.81 14.93
C ASN B 65 -17.16 -15.63 14.65
N ASN B 66 -17.20 -16.45 13.54
CA ASN B 66 -18.37 -17.30 13.24
C ASN B 66 -18.57 -18.34 14.34
N SER B 89 -13.97 -17.63 3.19
CA SER B 89 -14.99 -16.88 3.94
C SER B 89 -16.32 -17.65 3.98
N ASN B 90 -17.21 -17.26 4.94
CA ASN B 90 -18.55 -17.87 5.13
C ASN B 90 -18.44 -19.34 5.66
N GLN B 91 -17.30 -19.71 6.27
CA GLN B 91 -17.07 -21.06 6.82
C GLN B 91 -16.08 -20.97 8.00
N THR B 92 -16.52 -21.33 9.22
CA THR B 92 -15.76 -21.14 10.45
C THR B 92 -14.43 -21.93 10.52
N ILE B 93 -13.56 -21.50 11.45
CA ILE B 93 -12.28 -22.12 11.76
C ILE B 93 -12.53 -23.08 12.93
N GLU B 94 -12.18 -24.38 12.78
CA GLU B 94 -12.53 -25.39 13.79
C GLU B 94 -11.45 -25.59 14.85
N ASN B 95 -10.20 -25.22 14.58
CA ASN B 95 -9.12 -25.45 15.57
C ASN B 95 -7.91 -24.58 15.27
N PRO B 96 -6.90 -24.46 16.19
CA PRO B 96 -5.72 -23.62 15.89
C PRO B 96 -4.89 -24.17 14.72
N HIS B 97 -5.00 -25.47 14.44
CA HIS B 97 -4.27 -26.10 13.35
C HIS B 97 -4.76 -25.52 11.99
N GLU B 98 -6.09 -25.27 11.85
CA GLU B 98 -6.65 -24.67 10.63
C GLU B 98 -6.25 -23.21 10.52
N PHE B 99 -6.37 -22.45 11.63
CA PHE B 99 -5.94 -21.05 11.68
C PHE B 99 -4.47 -20.93 11.19
N GLU B 100 -3.56 -21.77 11.76
CA GLU B 100 -2.16 -21.79 11.38
C GLU B 100 -2.00 -21.99 9.86
N ARG B 101 -2.75 -22.94 9.28
CA ARG B 101 -2.68 -23.21 7.85
C ARG B 101 -3.09 -22.01 7.05
N LEU B 102 -4.23 -21.40 7.41
CA LEU B 102 -4.79 -20.23 6.74
C LEU B 102 -3.87 -19.02 6.84
N VAL B 103 -3.16 -18.87 7.95
CA VAL B 103 -2.22 -17.75 8.10
C VAL B 103 -0.97 -17.99 7.24
N LYS B 104 -0.43 -19.20 7.26
CA LYS B 104 0.75 -19.55 6.47
C LYS B 104 0.40 -19.67 4.96
N LEU B 105 -0.89 -19.88 4.62
CA LEU B 105 -1.32 -19.89 3.22
C LEU B 105 -1.16 -18.49 2.62
N ILE B 106 -1.49 -17.43 3.40
CA ILE B 106 -1.35 -16.03 2.99
C ILE B 106 0.06 -15.73 2.53
N PHE B 107 1.07 -16.18 3.29
CA PHE B 107 2.46 -15.84 3.00
C PHE B 107 3.04 -16.72 1.92
N SER B 108 2.73 -18.02 1.91
CA SER B 108 3.25 -18.90 0.87
C SER B 108 2.59 -18.57 -0.51
N ASN B 109 1.38 -17.98 -0.50
CA ASN B 109 0.72 -17.53 -1.73
C ASN B 109 1.39 -16.24 -2.24
N CYS B 110 1.81 -15.38 -1.32
CA CYS B 110 2.48 -14.13 -1.69
C CYS B 110 3.90 -14.44 -2.18
N MET B 111 4.55 -15.43 -1.57
CA MET B 111 5.92 -15.81 -1.90
C MET B 111 6.01 -16.69 -3.18
N ILE B 112 4.91 -17.37 -3.56
CA ILE B 112 4.92 -18.19 -4.79
C ILE B 112 4.65 -17.29 -5.99
N PHE B 113 3.67 -16.40 -5.86
CA PHE B 113 3.24 -15.52 -6.94
C PHE B 113 4.34 -14.54 -7.34
N ASN B 114 5.16 -14.09 -6.39
CA ASN B 114 6.25 -13.13 -6.68
C ASN B 114 7.64 -13.83 -6.71
N PRO B 115 8.60 -13.40 -7.58
CA PRO B 115 9.93 -14.05 -7.59
C PRO B 115 10.84 -13.54 -6.48
N ASN B 116 11.79 -14.38 -6.06
CA ASN B 116 12.79 -14.03 -5.04
C ASN B 116 13.83 -13.08 -5.63
N SER B 117 14.07 -13.19 -6.96
CA SER B 117 15.05 -12.35 -7.67
C SER B 117 14.40 -11.08 -8.22
N GLY B 118 15.20 -10.03 -8.37
CA GLY B 118 14.76 -8.75 -8.95
C GLY B 118 14.29 -7.75 -7.91
N LYS B 121 11.00 -7.03 -5.49
CA LYS B 121 11.15 -8.19 -4.60
C LYS B 121 10.84 -7.84 -3.12
N TRP B 122 10.48 -6.57 -2.82
CA TRP B 122 10.12 -6.16 -1.44
C TRP B 122 8.78 -6.78 -0.98
N ILE B 123 7.93 -7.28 -1.92
CA ILE B 123 6.65 -7.91 -1.56
C ILE B 123 6.90 -9.34 -0.98
N TYR B 124 7.73 -10.15 -1.68
CA TYR B 124 8.14 -11.51 -1.24
C TYR B 124 8.85 -11.45 0.13
N ASP B 125 9.65 -10.41 0.34
CA ASP B 125 10.40 -10.23 1.59
C ASP B 125 9.46 -9.83 2.70
N SER B 126 8.47 -8.96 2.41
CA SER B 126 7.49 -8.53 3.41
C SER B 126 6.78 -9.75 4.02
N ALA B 127 6.37 -10.71 3.16
CA ALA B 127 5.68 -11.94 3.56
C ALA B 127 6.59 -12.89 4.30
N LYS B 128 7.88 -12.95 3.91
CA LYS B 128 8.85 -13.79 4.63
C LYS B 128 9.02 -13.23 6.05
N GLN B 129 9.13 -11.89 6.18
CA GLN B 129 9.23 -11.21 7.48
C GLN B 129 7.96 -11.48 8.34
N SER B 130 6.77 -11.48 7.71
CA SER B 130 5.52 -11.72 8.42
C SER B 130 5.37 -13.21 8.82
N LEU B 131 5.88 -14.14 7.99
CA LEU B 131 5.85 -15.57 8.31
C LEU B 131 6.77 -15.87 9.53
N ASN B 132 7.91 -15.19 9.61
CA ASN B 132 8.87 -15.39 10.68
C ASN B 132 8.35 -14.83 12.03
N LYS B 133 7.66 -13.67 11.98
CA LYS B 133 7.06 -13.06 13.18
C LYS B 133 5.88 -13.90 13.66
N PHE B 134 5.10 -14.49 12.72
CA PHE B 134 3.98 -15.34 13.12
C PHE B 134 4.53 -16.57 13.85
N ASN B 135 5.56 -17.23 13.27
CA ASN B 135 6.18 -18.42 13.89
C ASN B 135 6.73 -18.09 15.26
N ASN B 136 7.31 -16.89 15.44
CA ASN B 136 7.79 -16.48 16.76
C ASN B 136 6.63 -16.34 17.74
N LEU B 137 5.62 -15.52 17.40
CA LEU B 137 4.42 -15.34 18.25
C LEU B 137 3.71 -16.67 18.57
N TRP B 138 3.48 -17.49 17.53
CA TRP B 138 2.75 -18.77 17.61
C TRP B 138 3.46 -19.80 18.46
N ASN B 139 4.77 -19.93 18.28
CA ASN B 139 5.57 -20.91 19.03
C ASN B 139 5.65 -20.60 20.54
N LYS B 140 5.36 -19.34 20.96
CA LYS B 140 5.37 -18.94 22.39
C LYS B 140 3.94 -18.90 22.96
N SER B 141 2.94 -19.29 22.16
CA SER B 141 1.53 -19.14 22.50
C SER B 141 0.95 -20.38 23.20
N ASN B 142 -0.03 -20.15 24.12
CA ASN B 142 -0.78 -21.22 24.81
C ASN B 142 -2.05 -21.62 24.00
N VAL B 143 -2.16 -21.16 22.75
CA VAL B 143 -3.31 -21.41 21.90
C VAL B 143 -3.70 -22.93 21.87
N PHE B 144 -2.72 -23.84 21.71
CA PHE B 144 -2.99 -25.27 21.67
C PHE B 144 -3.33 -25.82 23.04
N LEU B 145 -2.80 -25.20 24.11
CA LEU B 145 -3.14 -25.63 25.48
C LEU B 145 -4.53 -25.16 25.85
N LEU B 146 -4.94 -23.98 25.37
CA LEU B 146 -6.31 -23.49 25.57
C LEU B 146 -7.32 -24.39 24.82
N TYR B 147 -7.03 -24.71 23.55
CA TYR B 147 -7.88 -25.58 22.74
C TYR B 147 -8.03 -26.96 23.35
N SER B 148 -6.95 -27.54 23.90
CA SER B 148 -7.00 -28.90 24.48
C SER B 148 -7.89 -28.95 25.71
N ASN B 149 -7.70 -28.01 26.67
CA ASN B 149 -8.50 -27.92 27.89
C ASN B 149 -10.01 -27.97 27.57
N SER B 150 -10.45 -27.26 26.50
CA SER B 150 -11.84 -27.24 26.08
C SER B 150 -12.09 -28.25 24.93
N GLN B 151 -11.85 -27.84 23.66
CA GLN B 151 -12.10 -28.69 22.48
C GLN B 151 -10.85 -29.50 22.14
#